data_4IBB
#
_entry.id   4IBB
#
_cell.length_a   51.480
_cell.length_b   65.810
_cell.length_c   72.227
_cell.angle_alpha   90.00
_cell.angle_beta   90.00
_cell.angle_gamma   90.00
#
_symmetry.space_group_name_H-M   'P 21 21 21'
#
loop_
_entity.id
_entity.type
_entity.pdbx_description
1 polymer 'Polymerase cofactor VP35'
2 non-polymer '{4-[(5R)-3-hydroxy-2-oxo-4-(thiophen-2-ylcarbonyl)-5-(2,4,5-trimethylphenyl)-2,5-dihydro-1H-pyrrol-1-yl]phenyl}acetic acid'
3 water water
#
_entity_poly.entity_id   1
_entity_poly.type   'polypeptide(L)'
_entity_poly.pdbx_seq_one_letter_code
;GHMGKPDISAKDLRNIMYDHLPGFGTAFHQLVQVICKLGKDSNSLDIIHAEFQASLAEGDSPQCALIQITKRVPIFQDAA
PPVIHIRSRGDIPRACQKSLRPVPPSPKIDRGWVCVFQLQDGKTLGLKI
;
_entity_poly.pdbx_strand_id   A,B
#
# COMPACT_ATOMS: atom_id res chain seq x y z
N ASP A 7 -19.53 -12.32 -20.46
CA ASP A 7 -18.32 -11.69 -19.92
C ASP A 7 -17.80 -12.38 -18.68
N ILE A 8 -16.56 -12.87 -18.76
CA ILE A 8 -15.93 -13.53 -17.63
C ILE A 8 -15.81 -12.58 -16.44
N SER A 9 -16.26 -13.05 -15.27
CA SER A 9 -16.20 -12.28 -14.04
C SER A 9 -14.93 -12.60 -13.25
N ALA A 10 -14.64 -11.80 -12.24
CA ALA A 10 -13.47 -12.03 -11.40
C ALA A 10 -13.57 -13.40 -10.72
N LYS A 11 -14.75 -13.71 -10.20
CA LYS A 11 -15.00 -15.00 -9.55
C LYS A 11 -14.79 -16.17 -10.51
N ASP A 12 -15.35 -16.06 -11.72
CA ASP A 12 -15.20 -17.10 -12.76
C ASP A 12 -13.73 -17.38 -13.06
N LEU A 13 -12.95 -16.31 -13.21
CA LEU A 13 -11.55 -16.45 -13.59
C LEU A 13 -10.73 -17.05 -12.43
N ARG A 14 -11.04 -16.63 -11.22
CA ARG A 14 -10.39 -17.20 -10.05
C ARG A 14 -10.59 -18.71 -10.02
N ASN A 15 -11.83 -19.16 -10.25
CA ASN A 15 -12.13 -20.58 -10.22
C ASN A 15 -11.48 -21.34 -11.36
N ILE A 16 -11.44 -20.70 -12.52
CA ILE A 16 -10.74 -21.28 -13.66
C ILE A 16 -9.27 -21.51 -13.34
N MET A 17 -8.62 -20.51 -12.75
CA MET A 17 -7.21 -20.64 -12.42
C MET A 17 -6.98 -21.60 -11.25
N TYR A 18 -7.80 -21.50 -10.21
CA TYR A 18 -7.69 -22.42 -9.07
C TYR A 18 -7.72 -23.89 -9.53
N ASP A 19 -8.58 -24.16 -10.50
CA ASP A 19 -8.76 -25.51 -11.00
C ASP A 19 -7.47 -26.12 -11.55
N HIS A 20 -6.54 -25.28 -11.98
CA HIS A 20 -5.26 -25.78 -12.51
C HIS A 20 -4.15 -25.88 -11.45
N LEU A 21 -4.40 -25.42 -10.23
CA LEU A 21 -3.34 -25.38 -9.21
C LEU A 21 -3.43 -26.54 -8.23
N PRO A 22 -2.27 -27.09 -7.81
CA PRO A 22 -2.23 -28.09 -6.74
C PRO A 22 -2.32 -27.43 -5.36
N GLY A 23 -2.78 -28.18 -4.37
CA GLY A 23 -2.85 -27.66 -3.02
C GLY A 23 -3.96 -26.64 -2.83
N PHE A 24 -3.88 -25.89 -1.73
CA PHE A 24 -4.90 -24.93 -1.38
C PHE A 24 -4.29 -23.84 -0.48
N GLY A 25 -4.60 -22.58 -0.78
CA GLY A 25 -4.06 -21.47 -0.01
C GLY A 25 -2.57 -21.30 -0.17
N THR A 26 -2.06 -21.70 -1.33
CA THR A 26 -0.63 -21.57 -1.63
C THR A 26 -0.35 -20.14 -2.10
N ALA A 27 0.92 -19.79 -2.26
CA ALA A 27 1.26 -18.44 -2.74
C ALA A 27 0.72 -18.22 -4.16
N PHE A 28 0.62 -19.27 -4.97
CA PHE A 28 0.06 -19.11 -6.32
C PHE A 28 -1.45 -18.89 -6.26
N HIS A 29 -2.11 -19.45 -5.25
CA HIS A 29 -3.52 -19.13 -5.03
C HIS A 29 -3.71 -17.64 -4.70
N GLN A 30 -2.85 -17.10 -3.85
CA GLN A 30 -2.92 -15.68 -3.54
C GLN A 30 -2.60 -14.83 -4.78
N LEU A 31 -1.65 -15.28 -5.59
CA LEU A 31 -1.34 -14.57 -6.84
C LEU A 31 -2.56 -14.54 -7.76
N VAL A 32 -3.28 -15.66 -7.85
CA VAL A 32 -4.52 -15.67 -8.60
C VAL A 32 -5.46 -14.57 -8.05
N GLN A 33 -5.57 -14.48 -6.73
CA GLN A 33 -6.44 -13.48 -6.13
C GLN A 33 -6.03 -12.06 -6.53
N VAL A 34 -4.74 -11.78 -6.45
CA VAL A 34 -4.20 -10.46 -6.79
C VAL A 34 -4.40 -10.13 -8.29
N ILE A 35 -4.11 -11.10 -9.16
CA ILE A 35 -4.29 -10.92 -10.60
C ILE A 35 -5.77 -10.63 -10.91
N CYS A 36 -6.68 -11.33 -10.25
CA CYS A 36 -8.10 -11.12 -10.51
C CYS A 36 -8.58 -9.78 -9.98
N LYS A 37 -8.16 -9.42 -8.76
CA LYS A 37 -8.52 -8.12 -8.18
C LYS A 37 -8.02 -6.94 -9.01
N LEU A 38 -6.73 -6.94 -9.32
N LEU A 38 -6.74 -6.95 -9.34
CA LEU A 38 -6.17 -5.85 -10.12
CA LEU A 38 -6.16 -5.86 -10.12
C LEU A 38 -6.70 -5.88 -11.55
C LEU A 38 -6.71 -5.88 -11.55
N GLY A 39 -6.98 -7.08 -12.05
CA GLY A 39 -7.53 -7.25 -13.38
C GLY A 39 -8.93 -6.66 -13.47
N LYS A 40 -9.74 -6.89 -12.44
CA LYS A 40 -11.10 -6.37 -12.43
C LYS A 40 -11.07 -4.85 -12.39
N ASP A 41 -10.23 -4.33 -11.50
CA ASP A 41 -10.09 -2.89 -11.30
C ASP A 41 -9.60 -2.16 -12.55
N SER A 42 -8.97 -2.88 -13.46
CA SER A 42 -8.49 -2.27 -14.70
C SER A 42 -9.18 -2.86 -15.93
N ASN A 43 -10.37 -3.43 -15.73
CA ASN A 43 -11.16 -4.00 -16.82
C ASN A 43 -10.33 -4.85 -17.76
N SER A 44 -9.44 -5.66 -17.21
CA SER A 44 -8.54 -6.45 -18.04
C SER A 44 -8.69 -7.94 -17.85
N LEU A 45 -9.83 -8.39 -17.33
CA LEU A 45 -9.99 -9.82 -17.06
C LEU A 45 -9.93 -10.62 -18.36
N ASP A 46 -10.38 -10.05 -19.46
CA ASP A 46 -10.42 -10.80 -20.70
C ASP A 46 -9.02 -11.09 -21.23
N ILE A 47 -8.15 -10.09 -21.28
CA ILE A 47 -6.79 -10.35 -21.78
C ILE A 47 -6.00 -11.23 -20.79
N ILE A 48 -6.25 -11.08 -19.49
CA ILE A 48 -5.59 -11.95 -18.52
C ILE A 48 -6.02 -13.41 -18.75
N HIS A 49 -7.31 -13.63 -18.98
CA HIS A 49 -7.76 -14.99 -19.24
C HIS A 49 -7.14 -15.52 -20.51
N ALA A 50 -7.08 -14.70 -21.54
CA ALA A 50 -6.52 -15.11 -22.82
C ALA A 50 -5.03 -15.46 -22.72
N GLU A 51 -4.27 -14.69 -21.94
CA GLU A 51 -2.84 -14.97 -21.78
C GLU A 51 -2.64 -16.23 -20.98
N PHE A 52 -3.48 -16.40 -19.99
CA PHE A 52 -3.44 -17.61 -19.19
C PHE A 52 -3.67 -18.84 -20.04
N GLN A 53 -4.74 -18.83 -20.84
CA GLN A 53 -5.05 -19.98 -21.68
C GLN A 53 -3.99 -20.18 -22.75
N ALA A 54 -3.44 -19.10 -23.29
CA ALA A 54 -2.44 -19.23 -24.35
C ALA A 54 -1.16 -19.88 -23.83
N SER A 55 -0.74 -19.50 -22.62
N SER A 55 -0.75 -19.51 -22.62
CA SER A 55 0.42 -20.11 -22.00
CA SER A 55 0.41 -20.09 -21.98
C SER A 55 0.23 -21.60 -21.76
C SER A 55 0.24 -21.58 -21.73
N LEU A 56 -0.94 -21.97 -21.25
CA LEU A 56 -1.22 -23.39 -21.03
C LEU A 56 -1.18 -24.17 -22.35
N ALA A 57 -1.78 -23.58 -23.37
CA ALA A 57 -1.82 -24.21 -24.70
C ALA A 57 -0.42 -24.36 -25.32
N GLU A 58 0.51 -23.51 -24.89
CA GLU A 58 1.91 -23.62 -25.28
C GLU A 58 2.65 -24.72 -24.52
N GLY A 59 2.05 -25.21 -23.43
CA GLY A 59 2.66 -26.26 -22.64
C GLY A 59 3.30 -25.77 -21.35
N ASP A 60 3.15 -24.50 -21.03
CA ASP A 60 3.66 -24.01 -19.74
C ASP A 60 2.86 -24.60 -18.59
N SER A 61 3.51 -24.77 -17.43
CA SER A 61 2.78 -25.15 -16.23
C SER A 61 1.84 -24.00 -15.85
N PRO A 62 0.78 -24.30 -15.08
CA PRO A 62 -0.10 -23.19 -14.68
C PRO A 62 0.60 -22.15 -13.82
N GLN A 63 1.54 -22.59 -12.99
CA GLN A 63 2.35 -21.66 -12.22
C GLN A 63 3.14 -20.70 -13.14
N CYS A 64 3.77 -21.25 -14.17
N CYS A 64 3.77 -21.25 -14.17
CA CYS A 64 4.52 -20.46 -15.14
CA CYS A 64 4.51 -20.42 -15.11
C CYS A 64 3.59 -19.50 -15.88
C CYS A 64 3.57 -19.48 -15.87
N ALA A 65 2.41 -20.00 -16.23
CA ALA A 65 1.38 -19.18 -16.89
C ALA A 65 1.01 -17.95 -16.04
N LEU A 66 0.92 -18.14 -14.73
CA LEU A 66 0.54 -17.03 -13.84
C LEU A 66 1.68 -16.01 -13.75
N ILE A 67 2.91 -16.49 -13.67
CA ILE A 67 4.06 -15.60 -13.64
C ILE A 67 4.17 -14.84 -14.96
N GLN A 68 3.91 -15.52 -16.08
CA GLN A 68 3.99 -14.89 -17.38
C GLN A 68 2.96 -13.75 -17.50
N ILE A 69 1.81 -13.93 -16.85
CA ILE A 69 0.80 -12.87 -16.82
C ILE A 69 1.36 -11.61 -16.19
N THR A 70 2.04 -11.75 -15.05
CA THR A 70 2.60 -10.56 -14.39
C THR A 70 3.67 -9.89 -15.23
N LYS A 71 4.18 -10.61 -16.23
CA LYS A 71 5.25 -10.08 -17.05
C LYS A 71 4.77 -9.60 -18.43
N ARG A 72 3.65 -10.15 -18.92
CA ARG A 72 3.17 -9.84 -20.25
C ARG A 72 1.91 -8.97 -20.28
N VAL A 73 1.18 -8.88 -19.17
CA VAL A 73 0.01 -8.01 -19.16
C VAL A 73 0.40 -6.67 -18.55
N PRO A 74 0.26 -5.59 -19.33
CA PRO A 74 0.86 -4.29 -19.02
C PRO A 74 0.45 -3.69 -17.68
N ILE A 75 -0.73 -4.00 -17.15
CA ILE A 75 -1.06 -3.45 -15.83
C ILE A 75 -0.17 -3.98 -14.70
N PHE A 76 0.54 -5.07 -14.92
CA PHE A 76 1.41 -5.62 -13.88
C PHE A 76 2.87 -5.24 -14.05
N GLN A 77 3.23 -4.73 -15.23
CA GLN A 77 4.63 -4.40 -15.51
C GLN A 77 5.06 -3.22 -14.63
N ASP A 78 6.06 -3.47 -13.80
CA ASP A 78 6.58 -2.48 -12.84
C ASP A 78 5.55 -1.95 -11.87
N ALA A 79 4.51 -2.75 -11.60
CA ALA A 79 3.51 -2.39 -10.59
C ALA A 79 3.96 -2.84 -9.21
N ALA A 80 3.54 -2.10 -8.18
CA ALA A 80 3.80 -2.47 -6.81
C ALA A 80 2.74 -3.46 -6.36
N PRO A 81 3.11 -4.38 -5.47
CA PRO A 81 2.08 -5.28 -4.94
C PRO A 81 1.03 -4.53 -4.15
N PRO A 82 -0.21 -5.02 -4.19
CA PRO A 82 -1.29 -4.39 -3.43
C PRO A 82 -1.12 -4.62 -1.93
N VAL A 83 -1.60 -3.68 -1.15
CA VAL A 83 -1.57 -3.81 0.30
C VAL A 83 -2.89 -4.39 0.78
N ILE A 84 -2.81 -5.43 1.59
CA ILE A 84 -4.02 -6.08 2.10
C ILE A 84 -4.00 -6.00 3.61
N HIS A 85 -4.98 -5.31 4.17
CA HIS A 85 -5.04 -5.17 5.61
C HIS A 85 -5.66 -6.41 6.23
N ILE A 86 -4.96 -6.98 7.22
CA ILE A 86 -5.45 -8.14 7.95
C ILE A 86 -5.22 -7.94 9.44
N ARG A 87 -5.92 -8.71 10.26
CA ARG A 87 -5.74 -8.59 11.71
C ARG A 87 -4.43 -9.18 12.18
N SER A 88 -4.24 -10.47 11.98
CA SER A 88 -3.07 -11.15 12.49
C SER A 88 -2.46 -12.03 11.41
N ARG A 89 -1.30 -12.60 11.71
CA ARG A 89 -0.61 -13.49 10.79
C ARG A 89 -1.45 -14.73 10.46
N GLY A 90 -2.38 -15.08 11.36
CA GLY A 90 -3.24 -16.24 11.17
C GLY A 90 -4.34 -16.06 10.13
N ASP A 91 -4.56 -14.84 9.68
CA ASP A 91 -5.52 -14.59 8.61
C ASP A 91 -4.92 -14.96 7.25
N ILE A 92 -3.61 -15.16 7.24
CA ILE A 92 -2.90 -15.64 6.05
C ILE A 92 -2.94 -17.16 5.99
N PRO A 93 -3.29 -17.73 4.83
CA PRO A 93 -3.43 -19.18 4.67
C PRO A 93 -2.16 -19.93 5.06
N ARG A 94 -2.34 -21.10 5.68
CA ARG A 94 -1.26 -21.97 6.14
C ARG A 94 -0.17 -22.18 5.09
N ALA A 95 -0.57 -22.52 3.87
CA ALA A 95 0.39 -22.87 2.83
C ALA A 95 1.17 -21.65 2.30
N CYS A 96 0.77 -20.46 2.74
CA CYS A 96 1.50 -19.24 2.43
C CYS A 96 2.56 -18.85 3.45
N GLN A 97 2.52 -19.47 4.63
CA GLN A 97 3.29 -18.94 5.76
C GLN A 97 4.81 -18.92 5.52
N LYS A 98 5.35 -19.94 4.87
CA LYS A 98 6.79 -19.97 4.67
C LYS A 98 7.25 -19.08 3.52
N SER A 99 6.29 -18.50 2.79
CA SER A 99 6.59 -17.58 1.69
C SER A 99 6.55 -16.11 2.15
N LEU A 100 6.28 -15.88 3.43
CA LEU A 100 6.21 -14.51 3.93
C LEU A 100 7.60 -14.00 4.29
N ARG A 101 7.88 -12.75 3.94
CA ARG A 101 9.22 -12.17 4.08
C ARG A 101 9.15 -10.74 4.55
N PRO A 102 10.25 -10.25 5.12
CA PRO A 102 10.32 -8.80 5.35
C PRO A 102 10.10 -8.05 4.03
N VAL A 103 9.41 -6.91 4.08
CA VAL A 103 9.14 -6.16 2.84
C VAL A 103 10.37 -5.38 2.40
N PRO A 104 10.84 -5.59 1.16
CA PRO A 104 12.00 -4.87 0.60
C PRO A 104 11.63 -3.44 0.19
N PRO A 105 12.63 -2.59 -0.12
N PRO A 105 12.63 -2.62 -0.17
CA PRO A 105 12.37 -1.16 -0.36
CA PRO A 105 12.33 -1.36 -0.84
C PRO A 105 11.37 -0.87 -1.48
C PRO A 105 11.85 -1.62 -2.27
N SER A 106 11.55 -1.50 -2.64
N SER A 106 10.86 -0.87 -2.72
CA SER A 106 10.68 -1.25 -3.79
CA SER A 106 10.29 -1.01 -4.05
C SER A 106 10.16 -2.55 -4.38
C SER A 106 10.01 -2.45 -4.48
N PRO A 107 9.20 -3.19 -3.70
CA PRO A 107 8.77 -4.51 -4.22
C PRO A 107 7.96 -4.36 -5.53
N LYS A 108 8.07 -5.33 -6.42
CA LYS A 108 7.34 -5.32 -7.69
C LYS A 108 6.67 -6.67 -7.92
N ILE A 109 5.44 -6.64 -8.40
CA ILE A 109 4.71 -7.86 -8.72
C ILE A 109 5.47 -8.73 -9.73
N ASP A 110 6.01 -8.11 -10.77
CA ASP A 110 6.70 -8.87 -11.80
C ASP A 110 8.12 -9.30 -11.40
N ARG A 111 8.48 -9.06 -10.15
CA ARG A 111 9.71 -9.64 -9.60
C ARG A 111 9.37 -10.67 -8.54
N GLY A 112 8.08 -10.99 -8.37
CA GLY A 112 7.66 -12.06 -7.48
C GLY A 112 6.96 -11.67 -6.19
N TRP A 113 6.82 -10.37 -5.95
CA TRP A 113 6.16 -9.91 -4.73
C TRP A 113 4.66 -9.80 -5.00
N VAL A 114 3.95 -10.80 -4.52
CA VAL A 114 2.52 -11.00 -4.79
C VAL A 114 1.66 -9.94 -4.14
N CYS A 115 1.88 -9.73 -2.84
CA CYS A 115 1.15 -8.72 -2.11
C CYS A 115 1.91 -8.38 -0.85
N VAL A 116 1.45 -7.33 -0.18
CA VAL A 116 1.98 -6.96 1.11
C VAL A 116 0.86 -7.00 2.11
N PHE A 117 1.06 -7.76 3.16
CA PHE A 117 0.08 -7.82 4.23
C PHE A 117 0.42 -6.79 5.30
N GLN A 118 -0.54 -5.95 5.61
CA GLN A 118 -0.40 -4.97 6.69
C GLN A 118 -1.19 -5.45 7.91
N LEU A 119 -0.49 -5.83 8.97
CA LEU A 119 -1.15 -6.32 10.17
C LEU A 119 -1.53 -5.14 11.06
N GLN A 120 -2.60 -5.32 11.83
CA GLN A 120 -3.17 -4.24 12.60
C GLN A 120 -2.26 -3.66 13.66
N ASP A 121 -1.24 -4.40 14.06
CA ASP A 121 -0.32 -3.91 15.08
C ASP A 121 0.85 -3.15 14.44
N GLY A 122 0.80 -3.01 13.13
CA GLY A 122 1.84 -2.29 12.42
C GLY A 122 2.85 -3.17 11.69
N LYS A 123 2.88 -4.46 12.01
CA LYS A 123 3.76 -5.40 11.32
C LYS A 123 3.39 -5.45 9.83
N THR A 124 4.38 -5.66 8.96
CA THR A 124 4.11 -5.82 7.53
C THR A 124 4.93 -6.99 7.01
N LEU A 125 4.33 -7.76 6.10
CA LEU A 125 4.99 -8.91 5.51
C LEU A 125 4.70 -8.99 4.01
N GLY A 126 5.72 -9.32 3.22
CA GLY A 126 5.52 -9.47 1.78
C GLY A 126 5.40 -10.95 1.46
N LEU A 127 4.57 -11.27 0.48
CA LEU A 127 4.44 -12.65 0.03
C LEU A 127 5.26 -12.81 -1.23
N LYS A 128 6.23 -13.70 -1.18
CA LYS A 128 7.19 -13.84 -2.25
C LYS A 128 7.07 -15.17 -2.96
N ILE A 129 7.02 -15.10 -4.29
CA ILE A 129 7.20 -16.27 -5.15
C ILE A 129 8.54 -16.13 -5.87
N PRO B 6 7.55 8.81 31.35
CA PRO B 6 6.66 8.24 30.33
C PRO B 6 7.02 8.73 28.92
N ASP B 7 7.36 7.80 28.02
CA ASP B 7 7.72 8.17 26.66
C ASP B 7 6.55 8.82 25.91
N ILE B 8 6.84 9.85 25.11
CA ILE B 8 5.83 10.46 24.27
C ILE B 8 5.17 9.37 23.41
N SER B 9 3.84 9.35 23.42
CA SER B 9 3.08 8.35 22.71
C SER B 9 2.60 8.92 21.39
N ALA B 10 2.06 8.07 20.53
CA ALA B 10 1.56 8.51 19.23
C ALA B 10 0.42 9.51 19.44
N LYS B 11 -0.43 9.21 20.40
CA LYS B 11 -1.57 10.08 20.73
C LYS B 11 -1.13 11.46 21.25
N ASP B 12 -0.21 11.46 22.21
CA ASP B 12 0.34 12.72 22.72
C ASP B 12 0.92 13.56 21.59
N LEU B 13 1.69 12.93 20.70
CA LEU B 13 2.30 13.67 19.60
C LEU B 13 1.23 14.19 18.63
N ARG B 14 0.24 13.34 18.31
CA ARG B 14 -0.86 13.78 17.46
C ARG B 14 -1.51 15.04 18.06
N ASN B 15 -1.79 15.02 19.36
CA ASN B 15 -2.41 16.15 20.03
C ASN B 15 -1.54 17.39 20.03
N ILE B 16 -0.24 17.19 20.25
CA ILE B 16 0.70 18.30 20.21
C ILE B 16 0.68 18.99 18.84
N MET B 17 0.69 18.20 17.78
CA MET B 17 0.71 18.75 16.43
C MET B 17 -0.64 19.39 16.05
N TYR B 18 -1.74 18.72 16.43
CA TYR B 18 -3.07 19.26 16.18
C TYR B 18 -3.23 20.65 16.79
N ASP B 19 -2.61 20.84 17.97
CA ASP B 19 -2.71 22.11 18.68
C ASP B 19 -2.08 23.27 17.92
N HIS B 20 -1.20 22.96 16.97
CA HIS B 20 -0.57 24.00 16.15
C HIS B 20 -1.25 24.25 14.80
N LEU B 21 -2.29 23.46 14.48
CA LEU B 21 -2.94 23.55 13.17
C LEU B 21 -4.28 24.28 13.20
N PRO B 22 -4.57 25.08 12.16
CA PRO B 22 -5.90 25.69 12.02
C PRO B 22 -6.88 24.73 11.37
N GLY B 23 -8.17 24.91 11.68
CA GLY B 23 -9.21 24.13 11.04
C GLY B 23 -9.29 22.72 11.60
N PHE B 24 -9.93 21.83 10.85
CA PHE B 24 -10.08 20.45 11.30
C PHE B 24 -10.25 19.54 10.10
N GLY B 25 -9.60 18.39 10.13
CA GLY B 25 -9.74 17.39 9.09
C GLY B 25 -9.12 17.82 7.79
N THR B 26 -8.10 18.69 7.89
CA THR B 26 -7.42 19.18 6.71
C THR B 26 -6.36 18.17 6.26
N ALA B 27 -5.72 18.42 5.12
CA ALA B 27 -4.71 17.49 4.65
C ALA B 27 -3.52 17.47 5.62
N PHE B 28 -3.30 18.56 6.35
CA PHE B 28 -2.19 18.55 7.31
C PHE B 28 -2.55 17.74 8.55
N HIS B 29 -3.83 17.67 8.90
CA HIS B 29 -4.27 16.82 10.00
C HIS B 29 -4.04 15.35 9.62
N GLN B 30 -4.34 14.99 8.37
CA GLN B 30 -4.11 13.63 7.92
C GLN B 30 -2.61 13.30 7.90
N LEU B 31 -1.79 14.29 7.52
CA LEU B 31 -0.33 14.11 7.52
C LEU B 31 0.19 13.88 8.94
N VAL B 32 -0.37 14.59 9.93
CA VAL B 32 -0.02 14.34 11.32
C VAL B 32 -0.35 12.86 11.64
N GLN B 33 -1.51 12.41 11.20
CA GLN B 33 -1.89 11.02 11.44
C GLN B 33 -0.88 10.03 10.86
N VAL B 34 -0.51 10.25 9.61
CA VAL B 34 0.44 9.37 8.94
C VAL B 34 1.80 9.40 9.63
N ILE B 35 2.32 10.60 9.92
CA ILE B 35 3.59 10.76 10.61
C ILE B 35 3.60 10.04 11.95
N CYS B 36 2.53 10.14 12.72
CA CYS B 36 2.45 9.47 14.02
C CYS B 36 2.34 7.95 13.89
N LYS B 37 1.57 7.47 12.92
CA LYS B 37 1.44 6.02 12.68
C LYS B 37 2.76 5.38 12.22
N LEU B 38 3.40 5.95 11.21
CA LEU B 38 4.68 5.43 10.76
C LEU B 38 5.74 5.64 11.83
N GLY B 39 5.68 6.76 12.54
CA GLY B 39 6.63 7.05 13.60
C GLY B 39 6.54 6.00 14.70
N LYS B 40 5.33 5.64 15.09
CA LYS B 40 5.16 4.64 16.13
C LYS B 40 5.69 3.29 15.67
N ASP B 41 5.42 2.95 14.42
CA ASP B 41 5.80 1.64 13.90
C ASP B 41 7.30 1.51 13.70
N SER B 42 8.02 2.62 13.69
N SER B 42 8.01 2.64 13.71
CA SER B 42 9.47 2.57 13.58
CA SER B 42 9.45 2.64 13.55
C SER B 42 10.14 3.18 14.81
C SER B 42 10.14 3.19 14.80
N ASN B 43 9.41 3.21 15.93
CA ASN B 43 9.94 3.68 17.20
C ASN B 43 10.68 5.01 17.07
N SER B 44 10.16 5.89 16.25
CA SER B 44 10.84 7.16 15.95
C SER B 44 10.07 8.40 16.40
N LEU B 45 9.14 8.25 17.34
CA LEU B 45 8.33 9.38 17.76
C LEU B 45 9.17 10.46 18.44
N ASP B 46 10.24 10.06 19.10
CA ASP B 46 11.05 11.06 19.78
C ASP B 46 11.76 12.01 18.81
N ILE B 47 12.42 11.46 17.79
CA ILE B 47 13.12 12.32 16.83
C ILE B 47 12.12 13.14 16.02
N ILE B 48 10.96 12.55 15.72
CA ILE B 48 9.93 13.27 15.00
C ILE B 48 9.49 14.51 15.80
N HIS B 49 9.23 14.30 17.08
CA HIS B 49 8.85 15.40 17.96
C HIS B 49 9.96 16.44 18.05
N ALA B 50 11.19 15.99 18.16
CA ALA B 50 12.32 16.91 18.25
C ALA B 50 12.47 17.75 16.97
N GLU B 51 12.27 17.14 15.80
CA GLU B 51 12.42 17.87 14.55
C GLU B 51 11.29 18.87 14.41
N PHE B 52 10.09 18.47 14.81
CA PHE B 52 8.93 19.34 14.79
C PHE B 52 9.20 20.58 15.63
N GLN B 53 9.64 20.38 16.88
CA GLN B 53 9.91 21.51 17.76
C GLN B 53 11.06 22.39 17.27
N ALA B 54 12.11 21.78 16.71
CA ALA B 54 13.25 22.55 16.25
C ALA B 54 12.85 23.45 15.07
N SER B 55 12.03 22.94 14.16
N SER B 55 12.03 22.93 14.17
CA SER B 55 11.55 23.74 13.04
CA SER B 55 11.54 23.71 13.03
C SER B 55 10.73 24.94 13.52
C SER B 55 10.72 24.92 13.49
N LEU B 56 9.86 24.71 14.50
CA LEU B 56 9.06 25.82 15.03
C LEU B 56 9.97 26.86 15.68
N ALA B 57 11.04 26.38 16.33
CA ALA B 57 11.97 27.28 17.04
C ALA B 57 12.77 28.13 16.07
N GLU B 58 12.93 27.63 14.86
CA GLU B 58 13.58 28.35 13.79
C GLU B 58 12.67 29.41 13.15
N GLY B 59 11.37 29.33 13.46
CA GLY B 59 10.43 30.27 12.88
C GLY B 59 9.59 29.71 11.74
N ASP B 60 9.68 28.41 11.48
CA ASP B 60 8.85 27.84 10.41
C ASP B 60 7.39 27.76 10.85
N SER B 61 6.46 27.82 9.88
CA SER B 61 5.07 27.57 10.21
C SER B 61 4.92 26.11 10.60
N PRO B 62 3.85 25.79 11.37
CA PRO B 62 3.65 24.38 11.73
C PRO B 62 3.51 23.51 10.48
N GLN B 63 2.90 24.06 9.43
CA GLN B 63 2.72 23.29 8.21
C GLN B 63 4.07 22.95 7.59
N CYS B 64 4.94 23.95 7.52
N CYS B 64 4.94 23.95 7.51
CA CYS B 64 6.31 23.78 7.02
CA CYS B 64 6.30 23.74 7.00
C CYS B 64 7.07 22.78 7.86
C CYS B 64 7.06 22.75 7.86
N ALA B 65 6.90 22.87 9.17
CA ALA B 65 7.53 21.93 10.10
C ALA B 65 7.18 20.47 9.80
N LEU B 66 5.92 20.23 9.46
CA LEU B 66 5.45 18.87 9.14
C LEU B 66 6.06 18.39 7.84
N ILE B 67 6.10 19.26 6.84
CA ILE B 67 6.75 18.91 5.59
C ILE B 67 8.25 18.66 5.80
N GLN B 68 8.87 19.46 6.67
CA GLN B 68 10.29 19.28 6.98
C GLN B 68 10.54 17.91 7.63
N ILE B 69 9.61 17.45 8.46
CA ILE B 69 9.73 16.12 9.05
C ILE B 69 9.81 15.04 7.95
N THR B 70 8.93 15.11 6.96
CA THR B 70 8.94 14.10 5.89
C THR B 70 10.23 14.14 5.09
N LYS B 71 10.94 15.25 5.18
CA LYS B 71 12.19 15.42 4.44
C LYS B 71 13.45 15.19 5.28
N ARG B 72 13.37 15.36 6.60
CA ARG B 72 14.58 15.27 7.42
C ARG B 72 14.65 14.03 8.29
N VAL B 73 13.53 13.35 8.51
CA VAL B 73 13.52 12.13 9.31
C VAL B 73 13.64 10.94 8.36
N PRO B 74 14.71 10.13 8.53
CA PRO B 74 15.11 9.04 7.64
C PRO B 74 14.00 8.06 7.25
N ILE B 75 13.09 7.76 8.15
CA ILE B 75 12.06 6.79 7.78
C ILE B 75 11.10 7.28 6.69
N PHE B 76 11.05 8.59 6.42
CA PHE B 76 10.12 9.11 5.41
C PHE B 76 10.84 9.36 4.09
N GLN B 77 12.16 9.36 4.13
CA GLN B 77 12.90 9.68 2.92
C GLN B 77 12.69 8.57 1.88
N ASP B 78 12.17 8.96 0.71
N ASP B 78 12.16 8.97 0.71
CA ASP B 78 11.92 8.05 -0.41
CA ASP B 78 11.92 8.07 -0.41
C ASP B 78 10.94 6.93 -0.06
C ASP B 78 10.94 6.95 -0.06
N ALA B 79 10.11 7.16 0.95
CA ALA B 79 9.09 6.18 1.35
C ALA B 79 7.80 6.38 0.56
N ALA B 80 7.11 5.30 0.25
CA ALA B 80 5.80 5.37 -0.39
C ALA B 80 4.76 5.75 0.66
N PRO B 81 3.70 6.43 0.23
CA PRO B 81 2.61 6.72 1.17
C PRO B 81 1.95 5.43 1.65
N PRO B 82 1.49 5.42 2.90
CA PRO B 82 0.76 4.24 3.37
C PRO B 82 -0.58 4.11 2.69
N VAL B 83 -1.01 2.87 2.48
CA VAL B 83 -2.34 2.61 1.93
C VAL B 83 -3.36 2.49 3.05
N ILE B 84 -4.47 3.22 2.95
CA ILE B 84 -5.52 3.18 3.96
C ILE B 84 -6.84 2.72 3.36
N HIS B 85 -7.32 1.55 3.78
CA HIS B 85 -8.56 1.02 3.22
C HIS B 85 -9.77 1.68 3.86
N ILE B 86 -10.62 2.24 3.01
CA ILE B 86 -11.85 2.92 3.44
C ILE B 86 -13.02 2.43 2.61
N ARG B 87 -14.24 2.69 3.05
CA ARG B 87 -15.43 2.20 2.35
C ARG B 87 -15.82 3.04 1.13
N SER B 88 -15.77 4.38 1.27
CA SER B 88 -16.00 5.29 0.14
C SER B 88 -15.41 6.66 0.44
N ARG B 89 -15.68 7.63 -0.45
CA ARG B 89 -15.21 9.01 -0.28
C ARG B 89 -15.70 9.67 0.99
N GLY B 90 -16.85 9.21 1.49
CA GLY B 90 -17.45 9.79 2.69
C GLY B 90 -16.61 9.56 3.93
N ASP B 91 -15.68 8.61 3.87
CA ASP B 91 -14.83 8.29 5.00
C ASP B 91 -13.68 9.30 5.13
N ILE B 92 -13.45 10.04 4.06
CA ILE B 92 -12.39 11.05 4.01
C ILE B 92 -12.93 12.38 4.53
N PRO B 93 -12.17 13.07 5.39
CA PRO B 93 -12.67 14.32 5.97
C PRO B 93 -12.99 15.38 4.92
N ARG B 94 -14.03 16.16 5.19
CA ARG B 94 -14.49 17.21 4.30
C ARG B 94 -13.36 18.11 3.78
N ALA B 95 -12.48 18.52 4.69
CA ALA B 95 -11.45 19.49 4.35
C ALA B 95 -10.34 18.89 3.54
N CYS B 96 -10.38 17.56 3.38
CA CYS B 96 -9.41 16.84 2.55
C CYS B 96 -9.88 16.60 1.13
N GLN B 97 -11.17 16.78 0.88
CA GLN B 97 -11.78 16.32 -0.38
C GLN B 97 -11.13 16.95 -1.60
N LYS B 98 -10.85 18.24 -1.55
CA LYS B 98 -10.28 18.92 -2.70
C LYS B 98 -8.79 18.61 -2.88
N SER B 99 -8.20 17.90 -1.92
CA SER B 99 -6.80 17.50 -2.03
C SER B 99 -6.63 16.06 -2.54
N LEU B 100 -7.72 15.44 -2.95
CA LEU B 100 -7.64 14.08 -3.45
C LEU B 100 -7.38 14.08 -4.96
N ARG B 101 -6.45 13.22 -5.39
CA ARG B 101 -5.98 13.18 -6.77
C ARG B 101 -5.81 11.76 -7.27
N PRO B 102 -5.83 11.58 -8.59
CA PRO B 102 -5.46 10.27 -9.12
C PRO B 102 -4.05 9.90 -8.64
N VAL B 103 -3.81 8.62 -8.37
CA VAL B 103 -2.49 8.21 -7.86
C VAL B 103 -1.48 8.09 -9.00
N PRO B 104 -0.32 8.75 -8.87
CA PRO B 104 0.73 8.72 -9.90
C PRO B 104 1.56 7.45 -9.83
N PRO B 105 2.45 7.22 -10.80
CA PRO B 105 3.38 6.12 -10.58
C PRO B 105 4.40 6.55 -9.52
N SER B 106 4.76 5.63 -8.63
CA SER B 106 5.77 5.91 -7.59
C SER B 106 5.48 7.16 -6.75
N PRO B 107 4.31 7.21 -6.08
CA PRO B 107 4.12 8.35 -5.17
C PRO B 107 5.08 8.28 -3.99
N LYS B 108 5.52 9.42 -3.48
CA LYS B 108 6.44 9.46 -2.33
C LYS B 108 5.92 10.45 -1.30
N ILE B 109 5.98 10.07 -0.03
CA ILE B 109 5.58 10.96 1.05
C ILE B 109 6.36 12.27 1.03
N ASP B 110 7.65 12.21 0.76
CA ASP B 110 8.46 13.42 0.81
C ASP B 110 8.33 14.27 -0.45
N ARG B 111 7.43 13.90 -1.35
CA ARG B 111 7.07 14.81 -2.43
C ARG B 111 5.60 15.19 -2.31
N GLY B 112 5.04 14.99 -1.12
CA GLY B 112 3.73 15.53 -0.82
C GLY B 112 2.55 14.58 -0.88
N TRP B 113 2.80 13.29 -1.15
CA TRP B 113 1.71 12.31 -1.16
C TRP B 113 1.57 11.70 0.22
N VAL B 114 0.58 12.19 0.95
CA VAL B 114 0.35 11.86 2.35
C VAL B 114 -0.05 10.42 2.57
N CYS B 115 -0.99 9.95 1.77
CA CYS B 115 -1.45 8.58 1.89
C CYS B 115 -2.24 8.26 0.66
N VAL B 116 -2.52 6.98 0.50
CA VAL B 116 -3.34 6.52 -0.59
C VAL B 116 -4.56 5.85 0.02
N PHE B 117 -5.74 6.34 -0.34
CA PHE B 117 -6.98 5.72 0.09
C PHE B 117 -7.43 4.66 -0.91
N GLN B 118 -7.65 3.46 -0.42
CA GLN B 118 -8.14 2.36 -1.24
C GLN B 118 -9.62 2.17 -0.89
N LEU B 119 -10.49 2.52 -1.83
CA LEU B 119 -11.91 2.41 -1.61
C LEU B 119 -12.36 0.97 -1.89
N GLN B 120 -13.48 0.59 -1.30
CA GLN B 120 -13.87 -0.82 -1.30
C GLN B 120 -14.25 -1.30 -2.71
N ASP B 121 -14.66 -0.38 -3.58
CA ASP B 121 -15.05 -0.76 -4.95
C ASP B 121 -13.87 -0.79 -5.91
N GLY B 122 -12.67 -0.61 -5.38
CA GLY B 122 -11.47 -0.65 -6.19
C GLY B 122 -10.90 0.70 -6.57
N LYS B 123 -11.69 1.76 -6.39
CA LYS B 123 -11.22 3.12 -6.62
C LYS B 123 -10.03 3.42 -5.70
N THR B 124 -9.08 4.23 -6.17
CA THR B 124 -7.96 4.64 -5.32
C THR B 124 -7.72 6.13 -5.53
N LEU B 125 -7.45 6.84 -4.44
CA LEU B 125 -7.18 8.28 -4.49
C LEU B 125 -6.01 8.63 -3.59
N GLY B 126 -5.11 9.48 -4.07
CA GLY B 126 -3.98 9.91 -3.26
C GLY B 126 -4.30 11.26 -2.64
N LEU B 127 -3.89 11.44 -1.39
CA LEU B 127 -4.03 12.75 -0.74
C LEU B 127 -2.75 13.56 -0.95
N LYS B 128 -2.88 14.69 -1.62
CA LYS B 128 -1.71 15.48 -2.02
C LYS B 128 -1.61 16.80 -1.27
N ILE B 129 -0.42 17.11 -0.76
CA ILE B 129 -0.09 18.44 -0.25
C ILE B 129 0.97 19.08 -1.15
#